data_4KQI
#
_entry.id   4KQI
#
_cell.length_a   46.753
_cell.length_b   71.278
_cell.length_c   89.444
_cell.angle_alpha   90.000
_cell.angle_beta   90.000
_cell.angle_gamma   90.000
#
_symmetry.space_group_name_H-M   'P 2 21 21'
#
loop_
_entity.id
_entity.type
_entity.pdbx_description
1 polymer 'Nicotinate-nucleotide--dimethylbenzimidazole phosphoribosyltransferase'
2 non-polymer "ALPHA-RIBAZOLE-5'-PHOSPHATE"
3 non-polymer 1,2-ETHANEDIOL
4 non-polymer 'NICOTINIC ACID'
5 water water
#
_entity_poly.entity_id   1
_entity_poly.type   'polypeptide(L)'
_entity_poly.pdbx_seq_one_letter_code
;MQTLHALLRDIPAPDAEAMARAQQHIDGLLKPPGSLGRLETLAVQLAGMPGLNGTPQVGEKAVLVMCADHGVWDEGVAVS
PKIVTAIQAANMTRGTTGVCVLAAQAGAKVHVIDVGIDAEPIPGVVNMRVARGCGNIAVGPAMSRLQAEALLLEVSRYTC
DLAQRGVTLFGVGELGMANTTPAAAMVSVFTGSDAKEVVGIGANLPPSRIDNKVDVVRRAIAINQPNPRDGIDVLSKVGG
FDLVGMTGVMLGAARCGLPVLLDGFLSYSAALAACQIAPAVRPYLIPSHFSAEKGARIALAHLSMEPYLHMAMRLGAGSG
AALAMPIVEAACAMFHNMGELAASNIVLPEGNANAT
;
_entity_poly.pdbx_strand_id   A
#
loop_
_chem_comp.id
_chem_comp.type
_chem_comp.name
_chem_comp.formula
EDO non-polymer 1,2-ETHANEDIOL 'C2 H6 O2'
NIO non-polymer 'NICOTINIC ACID' 'C6 H5 N O2'
RBZ non-polymer ALPHA-RIBAZOLE-5'-PHOSPHATE 'C14 H19 N2 O7 P'
#
# COMPACT_ATOMS: atom_id res chain seq x y z
N THR A 3 10.72 -17.89 -8.42
CA THR A 3 9.26 -18.12 -8.49
C THR A 3 8.49 -17.42 -7.37
N LEU A 4 7.17 -17.37 -7.49
CA LEU A 4 6.41 -16.55 -6.52
C LEU A 4 6.27 -17.40 -5.26
N HIS A 5 6.09 -18.71 -5.35
CA HIS A 5 6.09 -19.59 -4.20
C HIS A 5 7.39 -19.49 -3.35
N ALA A 6 8.53 -19.48 -4.01
CA ALA A 6 9.82 -19.33 -3.38
C ALA A 6 9.96 -17.96 -2.77
N LEU A 7 9.46 -16.91 -3.41
CA LEU A 7 9.57 -15.56 -2.85
C LEU A 7 8.81 -15.53 -1.53
N LEU A 8 7.63 -16.09 -1.47
CA LEU A 8 6.78 -16.00 -0.34
C LEU A 8 7.40 -16.78 0.79
N ARG A 9 7.91 -17.96 0.47
CA ARG A 9 8.56 -18.85 1.42
C ARG A 9 9.76 -18.18 2.09
N ASP A 10 10.51 -17.41 1.33
CA ASP A 10 11.80 -16.84 1.77
C ASP A 10 11.73 -15.46 2.42
N ILE A 11 10.52 -14.99 2.73
CA ILE A 11 10.43 -13.70 3.46
C ILE A 11 11.00 -14.02 4.85
N PRO A 12 11.93 -13.17 5.34
CA PRO A 12 12.52 -13.47 6.62
C PRO A 12 11.65 -13.15 7.79
N ALA A 13 11.77 -13.87 8.90
CA ALA A 13 11.20 -13.52 10.15
C ALA A 13 11.89 -12.23 10.66
N PRO A 14 11.27 -11.42 11.47
CA PRO A 14 11.97 -10.35 12.17
C PRO A 14 13.01 -10.86 13.13
N ASP A 15 14.02 -10.07 13.39
CA ASP A 15 15.20 -10.45 14.14
C ASP A 15 14.97 -10.11 15.59
N ALA A 16 14.64 -11.11 16.40
CA ALA A 16 14.37 -10.85 17.79
C ALA A 16 15.54 -10.37 18.59
N GLU A 17 16.74 -10.81 18.21
CA GLU A 17 17.90 -10.36 18.94
C GLU A 17 18.16 -8.89 18.76
N ALA A 18 18.03 -8.49 17.49
CA ALA A 18 18.21 -7.07 17.18
C ALA A 18 17.21 -6.16 17.89
N MET A 19 15.97 -6.67 17.95
CA MET A 19 14.92 -5.97 18.65
C MET A 19 15.19 -5.82 20.15
N ALA A 20 15.69 -6.89 20.75
CA ALA A 20 16.03 -6.83 22.19
C ALA A 20 17.19 -5.86 22.42
N ARG A 21 18.18 -5.85 21.57
CA ARG A 21 19.25 -4.91 21.65
C ARG A 21 18.73 -3.47 21.49
N ALA A 22 17.82 -3.26 20.51
CA ALA A 22 17.26 -1.93 20.40
C ALA A 22 16.46 -1.49 21.60
N GLN A 23 15.61 -2.35 22.16
CA GLN A 23 14.82 -2.01 23.34
C GLN A 23 15.73 -1.66 24.55
N GLN A 24 16.79 -2.42 24.69
CA GLN A 24 17.64 -2.09 25.85
C GLN A 24 18.30 -0.75 25.64
N HIS A 25 18.73 -0.48 24.43
CA HIS A 25 19.24 0.83 24.09
C HIS A 25 18.29 1.96 24.40
N ILE A 26 17.08 1.85 23.99
CA ILE A 26 16.02 2.86 24.17
C ILE A 26 15.71 3.15 25.61
N ASP A 27 15.61 2.08 26.36
CA ASP A 27 15.23 2.26 27.77
C ASP A 27 16.27 3.04 28.57
N GLY A 28 17.49 3.14 28.06
CA GLY A 28 18.66 3.79 28.65
C GLY A 28 18.79 5.21 28.15
N LEU A 29 17.88 5.65 27.28
CA LEU A 29 17.99 7.01 26.77
C LEU A 29 17.47 8.06 27.79
N LEU A 30 17.87 9.32 27.55
CA LEU A 30 17.62 10.48 28.43
C LEU A 30 16.17 10.93 28.56
N LYS A 31 15.32 10.10 29.19
CA LYS A 31 13.90 10.34 29.26
C LYS A 31 13.26 9.37 30.23
N PRO A 32 12.01 9.58 30.69
CA PRO A 32 11.35 8.49 31.43
C PRO A 32 11.12 7.29 30.50
N PRO A 33 11.46 6.05 30.93
CA PRO A 33 11.06 4.88 30.17
C PRO A 33 9.61 4.91 29.66
N GLY A 34 9.50 4.67 28.35
CA GLY A 34 8.23 4.56 27.65
C GLY A 34 7.67 5.91 27.18
N SER A 35 8.30 7.02 27.52
CA SER A 35 7.61 8.29 27.34
C SER A 35 7.60 8.71 25.89
N LEU A 36 8.44 8.17 25.01
CA LEU A 36 8.28 8.48 23.58
C LEU A 36 7.33 7.60 22.87
N GLY A 37 6.64 6.74 23.61
CA GLY A 37 5.47 6.15 23.12
C GLY A 37 5.77 5.39 21.85
N ARG A 38 4.99 5.68 20.82
CA ARG A 38 5.05 4.84 19.60
C ARG A 38 6.24 5.17 18.82
N LEU A 39 7.02 6.19 19.01
CA LEU A 39 8.31 6.31 18.46
C LEU A 39 9.23 5.21 18.87
N GLU A 40 9.19 4.84 20.14
CA GLU A 40 9.97 3.77 20.69
C GLU A 40 9.59 2.47 20.02
N THR A 41 8.31 2.15 20.00
CA THR A 41 7.89 0.89 19.42
C THR A 41 8.28 0.86 17.94
N LEU A 42 8.15 1.93 17.21
CA LEU A 42 8.52 1.97 15.79
C LEU A 42 10.02 1.73 15.63
N ALA A 43 10.86 2.33 16.46
CA ALA A 43 12.27 2.08 16.34
C ALA A 43 12.59 0.59 16.53
N VAL A 44 11.97 -0.03 17.54
CA VAL A 44 12.22 -1.46 17.75
C VAL A 44 11.70 -2.29 16.58
N GLN A 45 10.54 -1.94 16.07
CA GLN A 45 9.99 -2.62 14.88
C GLN A 45 10.97 -2.59 13.72
N LEU A 46 11.51 -1.41 13.42
CA LEU A 46 12.49 -1.21 12.35
C LEU A 46 13.77 -2.01 12.68
N ALA A 47 14.21 -2.05 13.93
CA ALA A 47 15.43 -2.78 14.25
C ALA A 47 15.32 -4.23 13.91
N GLY A 48 14.11 -4.78 13.98
CA GLY A 48 13.99 -6.17 13.64
C GLY A 48 13.90 -6.49 12.21
N MET A 49 13.82 -5.54 11.29
CA MET A 49 13.68 -5.78 9.86
C MET A 49 15.08 -6.09 9.26
N PRO A 50 15.34 -7.30 8.78
CA PRO A 50 16.72 -7.69 8.43
C PRO A 50 17.39 -6.85 7.40
N GLY A 51 16.68 -6.20 6.53
CA GLY A 51 17.30 -5.34 5.55
C GLY A 51 17.86 -4.08 6.15
N LEU A 52 17.53 -3.71 7.36
CA LEU A 52 18.05 -2.55 8.05
C LEU A 52 19.28 -2.92 8.86
N ASN A 53 19.76 -4.16 8.80
CA ASN A 53 21.14 -4.37 9.33
C ASN A 53 21.19 -4.17 10.82
N GLY A 54 20.13 -4.49 11.52
CA GLY A 54 20.14 -4.58 12.96
C GLY A 54 19.96 -3.32 13.68
N THR A 55 19.56 -2.25 13.01
CA THR A 55 19.43 -0.96 13.67
C THR A 55 18.34 -0.19 12.94
N PRO A 56 17.63 0.73 13.63
CA PRO A 56 16.72 1.59 12.92
C PRO A 56 17.42 2.62 12.09
N GLN A 57 17.27 2.62 10.80
CA GLN A 57 17.94 3.57 9.95
C GLN A 57 17.15 3.75 8.69
N VAL A 58 17.34 4.90 8.06
CA VAL A 58 16.77 5.26 6.78
C VAL A 58 17.84 5.77 5.87
N GLY A 59 17.92 5.16 4.73
CA GLY A 59 18.79 5.67 3.65
C GLY A 59 17.95 6.37 2.61
N GLU A 60 17.89 5.85 1.41
CA GLU A 60 17.05 6.34 0.37
C GLU A 60 15.59 5.89 0.57
N LYS A 61 14.69 6.68 0.03
CA LYS A 61 13.24 6.52 0.20
C LYS A 61 12.59 6.55 -1.14
N ALA A 62 11.60 5.68 -1.34
CA ALA A 62 10.92 5.56 -2.59
C ALA A 62 9.42 5.40 -2.42
N VAL A 63 8.60 6.17 -3.09
CA VAL A 63 7.17 5.99 -3.06
C VAL A 63 6.79 5.41 -4.41
N LEU A 64 6.18 4.24 -4.44
CA LEU A 64 5.84 3.50 -5.68
C LEU A 64 4.38 3.68 -5.92
N VAL A 65 3.96 4.33 -7.00
CA VAL A 65 2.61 4.71 -7.27
C VAL A 65 2.12 3.85 -8.44
N MET A 66 1.18 2.97 -8.15
CA MET A 66 0.73 1.95 -9.10
C MET A 66 -0.48 2.42 -9.81
N CYS A 67 -0.51 2.51 -11.14
CA CYS A 67 -1.51 3.16 -11.88
C CYS A 67 -2.25 2.26 -12.89
N ALA A 68 -3.58 2.24 -12.87
CA ALA A 68 -4.36 1.38 -13.73
C ALA A 68 -5.77 1.85 -13.87
N ASP A 69 -6.40 1.45 -14.97
CA ASP A 69 -7.82 1.61 -15.17
C ASP A 69 -8.62 0.39 -14.91
N HIS A 70 -9.90 0.58 -14.72
CA HIS A 70 -10.83 -0.46 -14.24
C HIS A 70 -12.06 -0.55 -15.11
N GLY A 71 -12.41 -1.72 -15.50
CA GLY A 71 -13.64 -1.94 -16.27
C GLY A 71 -14.85 -1.51 -15.55
N VAL A 72 -14.87 -1.64 -14.23
CA VAL A 72 -16.09 -1.31 -13.44
C VAL A 72 -16.39 0.19 -13.54
N TRP A 73 -15.49 1.05 -14.03
CA TRP A 73 -15.84 2.42 -14.33
C TRP A 73 -17.12 2.53 -15.16
N ASP A 74 -17.42 1.54 -15.98
CA ASP A 74 -18.58 1.57 -16.88
C ASP A 74 -19.85 1.42 -16.06
N GLU A 75 -19.81 1.04 -14.78
CA GLU A 75 -20.98 0.82 -13.93
C GLU A 75 -21.46 2.14 -13.31
N GLY A 76 -20.75 3.24 -13.53
CA GLY A 76 -21.21 4.54 -13.02
C GLY A 76 -20.74 4.87 -11.61
N VAL A 77 -19.69 4.20 -11.15
CA VAL A 77 -19.23 4.29 -9.76
C VAL A 77 -18.19 5.41 -9.51
N ALA A 78 -17.75 6.11 -10.55
CA ALA A 78 -16.72 7.16 -10.44
C ALA A 78 -17.15 8.43 -11.17
N VAL A 79 -16.95 9.62 -10.59
CA VAL A 79 -17.39 10.87 -11.23
C VAL A 79 -16.35 11.36 -12.22
N SER A 80 -15.09 11.00 -12.01
CA SER A 80 -14.03 11.53 -12.86
C SER A 80 -14.00 10.74 -14.18
N PRO A 81 -13.83 11.39 -15.35
CA PRO A 81 -13.65 10.64 -16.61
C PRO A 81 -12.43 9.70 -16.57
N LYS A 82 -12.46 8.64 -17.37
CA LYS A 82 -11.43 7.61 -17.31
C LYS A 82 -10.04 8.11 -17.65
N ILE A 83 -9.95 9.05 -18.60
CA ILE A 83 -8.62 9.57 -18.96
C ILE A 83 -7.88 10.28 -17.85
N VAL A 84 -8.55 10.65 -16.76
CA VAL A 84 -7.86 11.30 -15.66
C VAL A 84 -6.74 10.39 -15.16
N THR A 85 -6.89 9.07 -15.18
CA THR A 85 -5.77 8.23 -14.74
C THR A 85 -4.51 8.56 -15.54
N ALA A 86 -4.58 8.55 -16.86
CA ALA A 86 -3.47 8.82 -17.73
C ALA A 86 -2.92 10.22 -17.60
N ILE A 87 -3.83 11.16 -17.44
CA ILE A 87 -3.37 12.56 -17.30
C ILE A 87 -2.58 12.76 -16.00
N GLN A 88 -3.13 12.15 -14.94
CA GLN A 88 -2.46 12.30 -13.66
C GLN A 88 -1.20 11.47 -13.57
N ALA A 89 -1.09 10.32 -14.27
CA ALA A 89 0.18 9.60 -14.31
C ALA A 89 1.28 10.40 -14.99
N ALA A 90 0.92 11.07 -16.11
CA ALA A 90 1.87 11.96 -16.75
C ALA A 90 2.27 13.15 -15.91
N ASN A 91 1.32 13.64 -15.14
CA ASN A 91 1.69 14.73 -14.20
C ASN A 91 2.64 14.35 -13.08
N MET A 92 2.60 13.08 -12.71
CA MET A 92 3.53 12.53 -11.76
C MET A 92 4.94 12.60 -12.29
N THR A 93 5.13 12.46 -13.60
CA THR A 93 6.49 12.52 -14.14
C THR A 93 7.02 13.94 -14.17
N ARG A 94 6.15 14.94 -13.93
CA ARG A 94 6.51 16.35 -13.92
C ARG A 94 6.68 16.95 -12.53
N GLY A 95 6.33 16.24 -11.47
CA GLY A 95 6.56 16.68 -10.12
C GLY A 95 5.50 17.59 -9.56
N THR A 96 4.33 17.60 -10.18
CA THR A 96 3.30 18.59 -9.81
C THR A 96 2.16 18.05 -8.95
N THR A 97 2.11 16.76 -8.71
CA THR A 97 1.03 16.15 -7.94
C THR A 97 1.33 16.22 -6.44
N GLY A 98 0.32 15.94 -5.65
CA GLY A 98 0.44 15.97 -4.19
C GLY A 98 1.54 15.08 -3.64
N VAL A 99 1.52 13.82 -4.12
CA VAL A 99 2.52 12.92 -3.63
C VAL A 99 3.90 13.40 -4.07
N CYS A 100 4.02 13.93 -5.29
CA CYS A 100 5.34 14.41 -5.70
C CYS A 100 5.93 15.48 -4.76
N VAL A 101 5.06 16.43 -4.43
CA VAL A 101 5.51 17.53 -3.60
C VAL A 101 5.78 17.03 -2.19
N LEU A 102 4.95 16.15 -1.63
CA LEU A 102 5.24 15.59 -0.33
C LEU A 102 6.43 14.66 -0.30
N ALA A 103 6.62 13.87 -1.37
CA ALA A 103 7.80 13.08 -1.45
C ALA A 103 9.06 13.93 -1.48
N ALA A 104 9.03 15.02 -2.29
CA ALA A 104 10.18 15.90 -2.30
C ALA A 104 10.47 16.53 -0.92
N GLN A 105 9.40 16.87 -0.19
CA GLN A 105 9.68 17.31 1.17
C GLN A 105 10.36 16.31 2.05
N ALA A 106 10.00 15.04 1.87
CA ALA A 106 10.57 13.96 2.58
C ALA A 106 11.91 13.46 2.08
N GLY A 107 12.40 14.02 0.97
CA GLY A 107 13.62 13.48 0.37
C GLY A 107 13.49 12.14 -0.30
N ALA A 108 12.29 11.85 -0.75
CA ALA A 108 11.98 10.57 -1.40
C ALA A 108 11.83 10.74 -2.91
N LYS A 109 12.04 9.70 -3.66
CA LYS A 109 11.77 9.68 -5.09
C LYS A 109 10.43 9.00 -5.35
N VAL A 110 9.64 9.41 -6.28
CA VAL A 110 8.39 8.81 -6.71
C VAL A 110 8.70 8.00 -7.95
N HIS A 111 8.29 6.74 -7.97
CA HIS A 111 8.36 5.82 -9.09
C HIS A 111 6.96 5.61 -9.55
N VAL A 112 6.59 6.06 -10.72
CA VAL A 112 5.25 5.99 -11.27
C VAL A 112 5.25 4.74 -12.14
N ILE A 113 4.36 3.81 -11.84
CA ILE A 113 4.36 2.47 -12.48
C ILE A 113 3.02 2.26 -13.13
N ASP A 114 2.97 2.06 -14.44
CA ASP A 114 1.76 1.76 -15.19
C ASP A 114 1.60 0.27 -15.21
N VAL A 115 0.61 -0.22 -14.43
CA VAL A 115 0.25 -1.61 -14.40
C VAL A 115 -1.00 -1.93 -15.21
N GLY A 116 -1.60 -0.92 -15.80
CA GLY A 116 -2.75 -1.17 -16.68
C GLY A 116 -3.63 -0.02 -17.01
N ILE A 117 -3.00 1.10 -17.36
CA ILE A 117 -3.71 2.25 -17.83
C ILE A 117 -4.35 2.01 -19.20
N ASP A 118 -5.58 2.45 -19.40
CA ASP A 118 -6.31 2.28 -20.65
C ASP A 118 -6.05 3.52 -21.52
N ALA A 119 -4.84 3.60 -22.03
CA ALA A 119 -4.36 4.69 -22.86
C ALA A 119 -3.04 4.22 -23.47
N GLU A 120 -2.49 4.98 -24.40
CA GLU A 120 -1.18 4.67 -24.89
C GLU A 120 -0.14 4.81 -23.79
N PRO A 121 0.96 4.04 -23.80
CA PRO A 121 1.98 4.19 -22.82
C PRO A 121 2.47 5.62 -22.73
N ILE A 122 2.80 6.08 -21.54
CA ILE A 122 3.24 7.45 -21.27
C ILE A 122 4.75 7.38 -21.10
N PRO A 123 5.50 8.13 -21.97
CA PRO A 123 6.96 8.14 -21.86
C PRO A 123 7.37 8.60 -20.48
N GLY A 124 8.31 7.89 -19.87
CA GLY A 124 8.82 8.23 -18.59
C GLY A 124 8.22 7.44 -17.44
N VAL A 125 7.12 6.77 -17.68
CA VAL A 125 6.43 6.00 -16.63
C VAL A 125 7.03 4.58 -16.75
N VAL A 126 7.19 3.83 -15.69
CA VAL A 126 7.67 2.48 -15.74
C VAL A 126 6.55 1.62 -16.25
N ASN A 127 6.81 0.82 -17.27
CA ASN A 127 5.78 0.03 -17.96
C ASN A 127 5.80 -1.43 -17.49
N MET A 128 4.75 -1.73 -16.72
CA MET A 128 4.46 -3.09 -16.34
C MET A 128 3.06 -3.38 -16.69
N ARG A 129 2.54 -2.96 -17.77
CA ARG A 129 1.10 -2.94 -18.03
C ARG A 129 0.58 -4.33 -18.32
N VAL A 130 -0.45 -4.77 -17.61
CA VAL A 130 -0.99 -6.11 -17.87
C VAL A 130 -1.94 -6.04 -19.04
N ALA A 131 -2.78 -5.06 -19.12
CA ALA A 131 -3.76 -4.86 -20.20
C ALA A 131 -4.27 -3.42 -20.17
N ARG A 132 -5.03 -2.96 -21.13
CA ARG A 132 -5.60 -1.62 -21.14
C ARG A 132 -6.86 -1.58 -20.29
N GLY A 133 -6.63 -1.47 -18.99
CA GLY A 133 -7.67 -1.61 -17.96
C GLY A 133 -7.93 -3.05 -17.63
N CYS A 134 -8.38 -3.33 -16.42
CA CYS A 134 -8.80 -4.67 -16.04
C CYS A 134 -10.26 -4.92 -16.39
N GLY A 135 -10.66 -6.17 -16.28
CA GLY A 135 -12.04 -6.55 -16.58
C GLY A 135 -12.97 -5.93 -15.55
N ASN A 136 -14.21 -5.71 -16.00
CA ASN A 136 -15.27 -5.10 -15.22
C ASN A 136 -15.73 -6.11 -14.13
N ILE A 137 -15.43 -5.87 -12.85
CA ILE A 137 -15.67 -6.85 -11.80
C ILE A 137 -17.18 -7.10 -11.53
N ALA A 138 -18.02 -6.24 -12.02
CA ALA A 138 -19.47 -6.49 -11.87
C ALA A 138 -19.97 -7.57 -12.75
N VAL A 139 -19.26 -8.01 -13.77
CA VAL A 139 -19.72 -9.08 -14.70
C VAL A 139 -18.79 -10.22 -14.78
N GLY A 140 -17.64 -10.21 -14.13
CA GLY A 140 -16.70 -11.30 -14.24
C GLY A 140 -15.42 -10.84 -13.52
N PRO A 141 -14.32 -11.58 -13.74
CA PRO A 141 -13.11 -11.32 -12.97
C PRO A 141 -12.40 -10.11 -13.55
N ALA A 142 -11.62 -9.47 -12.69
CA ALA A 142 -10.71 -8.41 -13.12
C ALA A 142 -9.59 -8.92 -14.03
N MET A 143 -9.16 -10.15 -13.80
CA MET A 143 -8.02 -10.67 -14.50
C MET A 143 -7.94 -12.19 -14.27
N SER A 144 -7.01 -12.85 -14.96
CA SER A 144 -6.79 -14.25 -14.66
C SER A 144 -5.83 -14.41 -13.49
N ARG A 145 -5.83 -15.57 -12.87
CA ARG A 145 -4.92 -15.90 -11.79
C ARG A 145 -3.48 -15.73 -12.22
N LEU A 146 -3.14 -16.22 -13.39
CA LEU A 146 -1.84 -16.07 -13.95
C LEU A 146 -1.42 -14.65 -14.14
N GLN A 147 -2.27 -13.74 -14.61
CA GLN A 147 -1.92 -12.34 -14.73
C GLN A 147 -1.62 -11.76 -13.34
N ALA A 148 -2.42 -12.12 -12.36
CA ALA A 148 -2.19 -11.59 -11.02
C ALA A 148 -0.85 -12.08 -10.48
N GLU A 149 -0.55 -13.36 -10.58
CA GLU A 149 0.71 -13.85 -10.08
C GLU A 149 1.88 -13.31 -10.84
N ALA A 150 1.82 -13.12 -12.15
CA ALA A 150 2.92 -12.59 -12.89
C ALA A 150 3.19 -11.15 -12.43
N LEU A 151 2.12 -10.37 -12.19
CA LEU A 151 2.34 -8.94 -11.83
C LEU A 151 2.86 -8.81 -10.36
N LEU A 152 2.38 -9.69 -9.51
CA LEU A 152 2.98 -9.77 -8.17
C LEU A 152 4.45 -9.99 -8.23
N LEU A 153 4.89 -10.95 -9.06
CA LEU A 153 6.29 -11.31 -9.12
CA LEU A 153 6.29 -11.29 -9.19
C LEU A 153 7.06 -10.15 -9.76
N GLU A 154 6.59 -9.56 -10.85
CA GLU A 154 7.26 -8.49 -11.43
C GLU A 154 7.49 -7.28 -10.51
N VAL A 155 6.41 -6.88 -9.83
CA VAL A 155 6.49 -5.72 -8.97
C VAL A 155 7.31 -6.04 -7.76
N SER A 156 7.18 -7.18 -7.16
CA SER A 156 8.05 -7.63 -6.05
CA SER A 156 8.03 -7.55 -6.02
C SER A 156 9.50 -7.56 -6.40
N ARG A 157 9.85 -8.05 -7.59
CA ARG A 157 11.26 -7.98 -8.00
C ARG A 157 11.73 -6.57 -8.22
N TYR A 158 10.94 -5.71 -8.81
CA TYR A 158 11.30 -4.35 -9.00
C TYR A 158 11.61 -3.61 -7.67
N THR A 159 10.72 -3.87 -6.72
CA THR A 159 10.86 -3.32 -5.36
C THR A 159 12.12 -3.73 -4.74
N CYS A 160 12.39 -5.02 -4.72
CA CYS A 160 13.59 -5.55 -4.04
CA CYS A 160 13.54 -5.42 -3.95
C CYS A 160 14.82 -5.04 -4.73
N ASP A 161 14.82 -4.89 -6.03
CA ASP A 161 15.90 -4.37 -6.81
C ASP A 161 16.26 -2.94 -6.46
N LEU A 162 15.29 -2.12 -6.08
CA LEU A 162 15.57 -0.80 -5.48
C LEU A 162 16.39 -0.81 -4.26
N ALA A 163 16.28 -1.89 -3.52
CA ALA A 163 17.09 -1.96 -2.29
C ALA A 163 18.53 -2.07 -2.61
N GLN A 164 18.64 -2.78 -3.73
CA GLN A 164 19.90 -3.31 -4.07
C GLN A 164 20.57 -2.01 -4.42
N ARG A 165 19.85 -0.96 -4.82
CA ARG A 165 20.24 0.45 -4.99
C ARG A 165 20.25 1.54 -3.85
N GLY A 166 20.06 1.17 -2.61
CA GLY A 166 20.16 2.16 -1.55
C GLY A 166 18.80 2.43 -0.85
N VAL A 167 17.71 2.01 -1.48
CA VAL A 167 16.39 2.33 -0.88
C VAL A 167 16.21 1.43 0.34
N THR A 168 15.89 2.02 1.46
CA THR A 168 15.62 1.32 2.72
C THR A 168 14.17 1.48 3.20
N LEU A 169 13.43 2.39 2.64
CA LEU A 169 12.04 2.70 3.10
C LEU A 169 11.16 2.94 1.93
N PHE A 170 10.10 2.16 1.79
CA PHE A 170 9.16 2.31 0.74
C PHE A 170 7.88 2.93 1.20
N GLY A 171 7.18 3.56 0.32
CA GLY A 171 5.78 3.90 0.48
C GLY A 171 5.01 3.41 -0.71
N VAL A 172 3.73 3.11 -0.55
CA VAL A 172 2.87 2.60 -1.62
CA VAL A 172 2.93 2.62 -1.62
C VAL A 172 1.77 3.57 -1.87
N GLY A 173 1.30 3.65 -3.10
CA GLY A 173 0.14 4.37 -3.46
C GLY A 173 -0.39 3.86 -4.81
N GLU A 174 -1.46 4.49 -5.21
CA GLU A 174 -2.11 4.09 -6.46
C GLU A 174 -2.76 5.28 -7.13
N LEU A 175 -3.15 5.10 -8.36
CA LEU A 175 -3.95 6.01 -9.13
C LEU A 175 -4.79 5.15 -10.06
N GLY A 176 -6.08 5.41 -10.10
CA GLY A 176 -6.95 4.73 -11.05
C GLY A 176 -8.41 5.09 -10.83
N MET A 177 -9.02 5.68 -11.82
CA MET A 177 -10.42 5.99 -11.67
C MET A 177 -11.28 4.74 -11.44
N ALA A 178 -12.19 4.87 -10.49
CA ALA A 178 -13.09 3.81 -10.02
C ALA A 178 -12.45 2.81 -9.07
N ASN A 179 -11.20 3.00 -8.69
CA ASN A 179 -10.49 2.01 -7.86
C ASN A 179 -10.99 1.80 -6.44
N THR A 180 -11.83 2.70 -5.92
CA THR A 180 -12.34 2.53 -4.59
C THR A 180 -13.46 1.46 -4.53
N THR A 181 -14.02 1.08 -5.67
CA THR A 181 -15.00 -0.01 -5.78
C THR A 181 -14.36 -1.42 -5.53
N PRO A 182 -13.33 -1.80 -6.33
CA PRO A 182 -12.70 -3.08 -6.02
C PRO A 182 -12.09 -3.08 -4.60
N ALA A 183 -11.50 -1.94 -4.18
CA ALA A 183 -10.96 -1.91 -2.81
C ALA A 183 -12.00 -2.29 -1.74
N ALA A 184 -13.21 -1.71 -1.93
CA ALA A 184 -14.29 -2.05 -1.02
C ALA A 184 -14.73 -3.49 -1.11
N ALA A 185 -14.74 -4.03 -2.32
CA ALA A 185 -15.02 -5.44 -2.49
C ALA A 185 -14.09 -6.32 -1.75
N MET A 186 -12.77 -6.02 -1.86
CA MET A 186 -11.82 -6.87 -1.21
C MET A 186 -11.93 -6.71 0.31
N VAL A 187 -12.09 -5.50 0.78
CA VAL A 187 -12.27 -5.38 2.28
C VAL A 187 -13.49 -6.15 2.76
N SER A 188 -14.57 -6.07 1.96
CA SER A 188 -15.78 -6.82 2.35
C SER A 188 -15.51 -8.33 2.44
N VAL A 189 -14.76 -8.89 1.47
CA VAL A 189 -14.43 -10.31 1.41
C VAL A 189 -13.52 -10.67 2.56
N PHE A 190 -12.44 -9.91 2.76
CA PHE A 190 -11.45 -10.34 3.74
C PHE A 190 -11.95 -10.19 5.17
N THR A 191 -12.75 -9.19 5.42
CA THR A 191 -13.17 -8.86 6.80
C THR A 191 -14.54 -9.50 7.11
N GLY A 192 -15.35 -9.87 6.14
CA GLY A 192 -16.72 -10.38 6.40
C GLY A 192 -17.70 -9.28 6.58
N SER A 193 -17.39 -8.04 6.28
CA SER A 193 -18.29 -6.93 6.46
C SER A 193 -19.18 -6.80 5.24
N ASP A 194 -20.44 -6.44 5.48
CA ASP A 194 -21.31 -6.06 4.40
C ASP A 194 -20.77 -4.87 3.62
N ALA A 195 -21.05 -4.86 2.31
CA ALA A 195 -20.64 -3.76 1.45
C ALA A 195 -20.98 -2.36 1.97
N LYS A 196 -22.22 -2.22 2.49
CA LYS A 196 -22.68 -0.93 2.99
C LYS A 196 -21.76 -0.27 4.03
N GLU A 197 -21.12 -1.12 4.80
CA GLU A 197 -20.20 -0.72 5.88
C GLU A 197 -18.86 -0.22 5.38
N VAL A 198 -18.47 -0.51 4.14
CA VAL A 198 -17.12 -0.22 3.68
C VAL A 198 -17.08 0.55 2.37
N VAL A 199 -18.18 0.92 1.72
CA VAL A 199 -18.20 1.69 0.49
C VAL A 199 -18.33 3.16 0.84
N GLY A 200 -17.41 3.97 0.30
CA GLY A 200 -17.32 5.42 0.48
C GLY A 200 -17.57 6.27 -0.73
N ILE A 201 -17.28 7.56 -0.57
CA ILE A 201 -17.42 8.54 -1.64
C ILE A 201 -16.25 8.59 -2.64
N GLY A 202 -15.15 7.89 -2.33
CA GLY A 202 -13.99 7.96 -3.23
C GLY A 202 -13.58 9.39 -3.55
N ALA A 203 -13.42 9.68 -4.84
CA ALA A 203 -13.08 11.02 -5.39
C ALA A 203 -14.37 11.82 -5.59
N ASN A 204 -14.99 12.17 -4.45
CA ASN A 204 -16.18 13.04 -4.41
C ASN A 204 -17.32 12.57 -5.32
N LEU A 205 -17.58 11.28 -5.27
CA LEU A 205 -18.83 10.72 -5.83
C LEU A 205 -20.01 11.42 -5.11
N PRO A 206 -21.02 11.90 -5.86
CA PRO A 206 -22.22 12.42 -5.16
C PRO A 206 -22.94 11.42 -4.28
N PRO A 207 -23.44 11.81 -3.09
CA PRO A 207 -24.10 10.84 -2.21
C PRO A 207 -25.27 10.09 -2.87
N SER A 208 -25.97 10.76 -3.78
CA SER A 208 -27.08 10.13 -4.47
C SER A 208 -26.63 8.87 -5.22
N ARG A 209 -25.32 8.68 -5.49
CA ARG A 209 -24.82 7.54 -6.28
C ARG A 209 -24.22 6.37 -5.47
N ILE A 210 -24.22 6.51 -4.16
CA ILE A 210 -23.75 5.50 -3.23
C ILE A 210 -24.47 4.14 -3.28
N ASP A 211 -25.81 4.09 -3.29
CA ASP A 211 -26.52 2.82 -3.38
C ASP A 211 -26.11 2.02 -4.63
N ASN A 212 -25.91 2.68 -5.73
CA ASN A 212 -25.44 2.04 -6.95
C ASN A 212 -24.07 1.38 -6.69
N LYS A 213 -23.20 2.06 -5.95
CA LYS A 213 -21.86 1.56 -5.73
C LYS A 213 -21.88 0.39 -4.82
N VAL A 214 -22.72 0.33 -3.78
CA VAL A 214 -22.92 -0.76 -2.91
C VAL A 214 -23.41 -1.96 -3.71
N ASP A 215 -24.45 -1.75 -4.52
CA ASP A 215 -24.99 -2.80 -5.37
C ASP A 215 -23.97 -3.42 -6.31
N VAL A 216 -23.05 -2.61 -6.80
CA VAL A 216 -22.02 -3.03 -7.72
C VAL A 216 -21.03 -3.92 -6.98
N VAL A 217 -20.63 -3.54 -5.76
CA VAL A 217 -19.74 -4.33 -4.95
C VAL A 217 -20.33 -5.68 -4.68
N ARG A 218 -21.61 -5.73 -4.22
CA ARG A 218 -22.28 -6.98 -3.89
C ARG A 218 -22.42 -7.86 -5.12
N ARG A 219 -22.67 -7.28 -6.25
CA ARG A 219 -22.76 -7.98 -7.51
C ARG A 219 -21.43 -8.61 -7.95
N ALA A 220 -20.35 -7.82 -7.77
CA ALA A 220 -19.03 -8.32 -8.09
C ALA A 220 -18.66 -9.53 -7.27
N ILE A 221 -19.02 -9.46 -5.97
CA ILE A 221 -18.73 -10.56 -5.08
C ILE A 221 -19.56 -11.81 -5.43
N ALA A 222 -20.84 -11.58 -5.68
CA ALA A 222 -21.77 -12.70 -5.94
C ALA A 222 -21.39 -13.40 -7.24
N ILE A 223 -20.96 -12.65 -8.26
CA ILE A 223 -20.62 -13.20 -9.56
C ILE A 223 -19.32 -13.95 -9.57
N ASN A 224 -18.34 -13.41 -8.82
CA ASN A 224 -17.03 -13.99 -8.82
C ASN A 224 -16.72 -14.98 -7.77
N GLN A 225 -17.44 -14.95 -6.67
CA GLN A 225 -17.21 -15.84 -5.54
C GLN A 225 -15.77 -15.96 -5.11
N PRO A 226 -15.14 -14.80 -4.83
CA PRO A 226 -13.76 -14.85 -4.33
C PRO A 226 -13.65 -15.62 -3.01
N ASN A 227 -12.59 -16.39 -2.90
CA ASN A 227 -12.31 -17.18 -1.67
C ASN A 227 -11.46 -16.35 -0.73
N PRO A 228 -11.96 -16.00 0.45
CA PRO A 228 -11.19 -15.13 1.33
C PRO A 228 -9.97 -15.73 1.94
N ARG A 229 -9.83 -17.04 1.86
CA ARG A 229 -8.62 -17.71 2.31
C ARG A 229 -7.59 -17.84 1.21
N ASP A 230 -7.78 -17.24 0.03
CA ASP A 230 -6.81 -17.23 -1.06
C ASP A 230 -6.68 -15.79 -1.59
N GLY A 231 -5.75 -15.01 -1.05
CA GLY A 231 -5.73 -13.62 -1.38
C GLY A 231 -5.43 -13.38 -2.83
N ILE A 232 -4.66 -14.22 -3.50
CA ILE A 232 -4.47 -14.12 -4.92
C ILE A 232 -5.80 -14.25 -5.70
N ASP A 233 -6.62 -15.19 -5.21
CA ASP A 233 -7.93 -15.33 -5.86
C ASP A 233 -8.76 -14.07 -5.69
N VAL A 234 -8.78 -13.49 -4.51
CA VAL A 234 -9.53 -12.30 -4.26
C VAL A 234 -9.08 -11.11 -5.14
N LEU A 235 -7.75 -10.92 -5.19
CA LEU A 235 -7.19 -9.88 -6.06
C LEU A 235 -7.61 -10.04 -7.52
N SER A 236 -7.43 -11.28 -7.98
CA SER A 236 -7.67 -11.54 -9.39
C SER A 236 -9.15 -11.33 -9.79
N LYS A 237 -10.02 -11.72 -8.90
CA LYS A 237 -11.47 -11.74 -9.19
C LYS A 237 -12.08 -10.38 -8.96
N VAL A 238 -11.91 -9.78 -7.79
CA VAL A 238 -12.59 -8.54 -7.41
C VAL A 238 -11.68 -7.33 -7.12
N GLY A 239 -10.41 -7.49 -7.44
CA GLY A 239 -9.42 -6.38 -7.27
C GLY A 239 -9.22 -5.72 -8.60
N GLY A 240 -8.01 -5.26 -8.83
CA GLY A 240 -7.58 -4.56 -10.02
C GLY A 240 -6.07 -4.62 -10.04
N PHE A 241 -5.56 -4.18 -11.20
CA PHE A 241 -4.09 -4.24 -11.42
C PHE A 241 -3.33 -3.32 -10.46
N ASP A 242 -3.86 -2.15 -10.17
CA ASP A 242 -3.28 -1.23 -9.17
C ASP A 242 -3.19 -1.89 -7.80
N LEU A 243 -4.23 -2.57 -7.37
CA LEU A 243 -4.27 -3.20 -6.06
C LEU A 243 -3.29 -4.35 -6.02
N VAL A 244 -3.21 -5.17 -7.09
CA VAL A 244 -2.18 -6.19 -7.23
C VAL A 244 -0.78 -5.59 -7.13
N GLY A 245 -0.57 -4.49 -7.83
CA GLY A 245 0.73 -3.83 -7.78
C GLY A 245 1.11 -3.44 -6.40
N MET A 246 0.19 -2.84 -5.66
CA MET A 246 0.50 -2.42 -4.29
C MET A 246 0.80 -3.62 -3.42
N THR A 247 0.06 -4.70 -3.54
CA THR A 247 0.36 -5.93 -2.82
C THR A 247 1.76 -6.42 -3.16
N GLY A 248 2.10 -6.31 -4.44
CA GLY A 248 3.44 -6.69 -4.85
C GLY A 248 4.60 -5.89 -4.21
N VAL A 249 4.37 -4.60 -4.05
CA VAL A 249 5.38 -3.77 -3.37
C VAL A 249 5.56 -4.28 -1.94
N MET A 250 4.45 -4.62 -1.26
CA MET A 250 4.51 -5.11 0.08
C MET A 250 5.24 -6.44 0.22
N LEU A 251 4.93 -7.36 -0.69
CA LEU A 251 5.62 -8.64 -0.75
C LEU A 251 7.11 -8.45 -1.02
N GLY A 252 7.46 -7.57 -1.96
CA GLY A 252 8.86 -7.39 -2.29
C GLY A 252 9.62 -6.73 -1.15
N ALA A 253 9.03 -5.74 -0.51
CA ALA A 253 9.69 -5.08 0.65
C ALA A 253 9.90 -6.11 1.73
N ALA A 254 8.90 -6.93 2.03
CA ALA A 254 9.04 -7.98 3.04
C ALA A 254 10.12 -9.01 2.70
N ARG A 255 10.18 -9.40 1.42
CA ARG A 255 11.19 -10.32 0.99
C ARG A 255 12.60 -9.75 1.20
N CYS A 256 12.74 -8.46 1.01
CA CYS A 256 14.00 -7.75 1.21
C CYS A 256 14.20 -7.37 2.60
N GLY A 257 13.31 -7.70 3.53
CA GLY A 257 13.42 -7.36 4.95
C GLY A 257 13.34 -5.86 5.27
N LEU A 258 12.56 -5.13 4.49
CA LEU A 258 12.52 -3.67 4.59
C LEU A 258 11.11 -3.17 4.84
N PRO A 259 11.04 -1.96 5.44
CA PRO A 259 9.78 -1.34 5.79
C PRO A 259 9.02 -0.77 4.62
N VAL A 260 7.71 -0.85 4.69
CA VAL A 260 6.81 -0.23 3.73
C VAL A 260 5.72 0.53 4.47
N LEU A 261 5.59 1.80 4.16
CA LEU A 261 4.50 2.66 4.63
C LEU A 261 3.28 2.53 3.79
N LEU A 262 2.16 2.22 4.44
CA LEU A 262 0.87 2.26 3.84
C LEU A 262 0.42 3.67 3.58
N ASP A 263 -0.63 3.81 2.80
CA ASP A 263 -1.26 5.08 2.49
C ASP A 263 -2.66 5.12 3.09
N GLY A 264 -3.68 5.10 2.25
CA GLY A 264 -5.07 5.12 2.65
C GLY A 264 -5.82 3.83 2.37
N PHE A 265 -7.12 3.96 2.14
CA PHE A 265 -7.98 2.80 2.05
C PHE A 265 -7.65 1.80 0.95
N LEU A 266 -7.24 2.32 -0.17
CA LEU A 266 -6.83 1.43 -1.26
C LEU A 266 -5.71 0.55 -0.80
N SER A 267 -4.71 1.15 -0.17
CA SER A 267 -3.56 0.44 0.34
C SER A 267 -3.92 -0.53 1.45
N TYR A 268 -4.90 -0.19 2.30
CA TYR A 268 -5.30 -1.12 3.35
C TYR A 268 -5.91 -2.41 2.75
N SER A 269 -6.61 -2.24 1.63
CA SER A 269 -7.20 -3.41 0.96
C SER A 269 -6.08 -4.26 0.43
N ALA A 270 -5.05 -3.69 -0.22
CA ALA A 270 -3.90 -4.43 -0.66
C ALA A 270 -3.14 -5.05 0.48
N ALA A 271 -3.05 -4.43 1.63
CA ALA A 271 -2.34 -4.98 2.77
C ALA A 271 -3.11 -6.19 3.32
N LEU A 272 -4.45 -6.09 3.35
CA LEU A 272 -5.24 -7.32 3.75
C LEU A 272 -4.96 -8.50 2.85
N ALA A 273 -4.83 -8.25 1.54
CA ALA A 273 -4.48 -9.31 0.60
C ALA A 273 -3.07 -9.81 0.85
N ALA A 274 -2.11 -8.92 1.02
CA ALA A 274 -0.71 -9.33 1.23
C ALA A 274 -0.56 -10.18 2.48
N CYS A 275 -1.25 -9.81 3.53
CA CYS A 275 -1.10 -10.57 4.75
C CYS A 275 -1.86 -11.88 4.76
N GLN A 276 -2.86 -11.99 3.92
CA GLN A 276 -3.50 -13.32 3.76
C GLN A 276 -2.61 -14.18 2.95
N ILE A 277 -2.00 -13.71 1.88
CA ILE A 277 -1.10 -14.41 1.04
C ILE A 277 0.13 -14.87 1.80
N ALA A 278 0.73 -14.02 2.61
CA ALA A 278 1.94 -14.33 3.34
C ALA A 278 1.85 -13.59 4.65
N PRO A 279 1.40 -14.18 5.76
CA PRO A 279 1.38 -13.56 7.06
C PRO A 279 2.70 -12.92 7.46
N ALA A 280 3.81 -13.44 6.98
CA ALA A 280 5.12 -12.92 7.25
C ALA A 280 5.33 -11.52 6.71
N VAL A 281 4.49 -10.98 5.87
CA VAL A 281 4.56 -9.59 5.47
C VAL A 281 4.32 -8.64 6.61
N ARG A 282 3.44 -8.98 7.54
CA ARG A 282 2.87 -8.04 8.44
C ARG A 282 3.89 -7.23 9.28
N PRO A 283 4.96 -7.79 9.79
CA PRO A 283 5.91 -7.00 10.58
C PRO A 283 6.64 -5.88 9.81
N TYR A 284 6.56 -5.88 8.51
CA TYR A 284 7.23 -4.91 7.65
C TYR A 284 6.33 -3.75 7.37
N LEU A 285 5.03 -3.83 7.64
CA LEU A 285 4.06 -2.79 7.27
C LEU A 285 3.99 -1.74 8.35
N ILE A 286 3.98 -0.47 7.98
CA ILE A 286 3.86 0.65 8.89
C ILE A 286 2.70 1.51 8.40
N PRO A 287 1.69 1.79 9.25
CA PRO A 287 0.66 2.67 8.82
C PRO A 287 1.15 4.12 8.72
N SER A 288 0.53 4.94 7.92
CA SER A 288 0.79 6.38 7.88
C SER A 288 -0.37 7.12 8.50
N HIS A 289 -1.40 7.29 7.74
CA HIS A 289 -2.55 8.04 8.10
C HIS A 289 -3.84 7.24 8.17
N PHE A 290 -4.84 7.83 8.79
CA PHE A 290 -6.17 7.21 8.98
C PHE A 290 -7.05 7.84 7.94
N SER A 291 -7.29 7.15 6.84
CA SER A 291 -8.03 7.65 5.66
C SER A 291 -9.42 8.11 6.11
N ALA A 292 -9.90 9.10 5.39
CA ALA A 292 -11.29 9.60 5.56
C ALA A 292 -12.31 8.70 4.89
N GLU A 293 -11.95 7.62 4.22
CA GLU A 293 -12.93 6.73 3.58
C GLU A 293 -13.69 5.93 4.61
N LYS A 294 -14.98 5.68 4.31
CA LYS A 294 -15.84 5.02 5.25
C LYS A 294 -15.33 3.73 5.83
N GLY A 295 -14.76 2.89 4.97
CA GLY A 295 -14.28 1.57 5.32
C GLY A 295 -12.90 1.51 6.00
N ALA A 296 -12.32 2.67 6.25
CA ALA A 296 -10.98 2.75 6.83
C ALA A 296 -10.87 2.03 8.17
N ARG A 297 -11.82 2.31 9.09
CA ARG A 297 -11.73 1.73 10.40
C ARG A 297 -11.75 0.23 10.49
N ILE A 298 -12.66 -0.36 9.71
CA ILE A 298 -12.81 -1.76 9.63
C ILE A 298 -11.56 -2.42 9.06
N ALA A 299 -11.04 -1.86 7.93
CA ALA A 299 -9.83 -2.40 7.38
C ALA A 299 -8.64 -2.37 8.33
N LEU A 300 -8.46 -1.21 8.96
CA LEU A 300 -7.42 -1.07 9.95
C LEU A 300 -7.53 -1.98 11.15
N ALA A 301 -8.79 -2.20 11.58
CA ALA A 301 -8.98 -3.13 12.70
C ALA A 301 -8.60 -4.52 12.40
N HIS A 302 -8.84 -4.94 11.16
CA HIS A 302 -8.46 -6.26 10.74
C HIS A 302 -6.96 -6.43 10.55
N LEU A 303 -6.24 -5.34 10.25
CA LEU A 303 -4.80 -5.34 10.19
C LEU A 303 -4.17 -5.09 11.60
N SER A 304 -5.01 -4.85 12.63
CA SER A 304 -4.50 -4.52 13.97
C SER A 304 -3.53 -3.33 13.91
N MET A 305 -3.94 -2.31 13.16
CA MET A 305 -3.13 -1.12 12.92
C MET A 305 -3.78 0.17 13.37
N GLU A 306 -2.97 1.05 13.93
CA GLU A 306 -3.39 2.34 14.41
C GLU A 306 -2.51 3.41 13.76
N PRO A 307 -3.06 4.10 12.78
CA PRO A 307 -2.20 5.10 12.11
C PRO A 307 -1.69 6.20 12.98
N TYR A 308 -0.59 6.80 12.63
CA TYR A 308 0.04 7.90 13.33
C TYR A 308 -0.63 9.20 13.04
N LEU A 309 -1.11 9.43 11.84
CA LEU A 309 -1.57 10.72 11.34
C LEU A 309 -3.04 10.73 11.16
N HIS A 310 -3.70 11.74 11.69
CA HIS A 310 -5.14 11.97 11.49
C HIS A 310 -5.33 13.24 10.70
N MET A 311 -5.32 13.12 9.39
CA MET A 311 -5.34 14.25 8.47
C MET A 311 -6.63 14.39 7.68
N ALA A 312 -7.61 13.53 7.92
CA ALA A 312 -8.82 13.45 7.14
C ALA A 312 -8.55 13.49 5.63
N MET A 313 -7.44 12.85 5.25
CA MET A 313 -6.94 12.74 3.88
CA MET A 313 -7.03 12.76 3.88
C MET A 313 -7.68 11.61 3.15
N ARG A 314 -7.87 11.82 1.85
CA ARG A 314 -8.43 10.82 0.95
C ARG A 314 -7.96 11.21 -0.45
N LEU A 315 -6.76 11.68 -0.63
CA LEU A 315 -6.17 11.95 -1.96
C LEU A 315 -5.72 10.67 -2.59
N GLY A 316 -5.01 9.90 -1.81
CA GLY A 316 -4.30 8.72 -2.37
C GLY A 316 -2.99 9.04 -3.06
N ALA A 317 -2.61 8.09 -3.89
CA ALA A 317 -1.52 8.16 -4.65
C ALA A 317 -0.31 8.22 -3.83
N GLY A 318 -0.32 7.82 -2.55
CA GLY A 318 0.93 7.74 -1.81
C GLY A 318 1.22 8.94 -0.91
N SER A 319 0.36 9.93 -0.96
CA SER A 319 0.60 11.18 -0.28
CA SER A 319 0.59 11.18 -0.25
C SER A 319 0.73 11.01 1.23
N GLY A 320 -0.10 10.18 1.86
CA GLY A 320 0.01 9.88 3.27
C GLY A 320 1.29 9.19 3.65
N ALA A 321 1.64 8.21 2.81
CA ALA A 321 2.90 7.53 3.03
C ALA A 321 4.06 8.51 3.06
N ALA A 322 4.11 9.43 2.11
CA ALA A 322 5.18 10.41 2.04
C ALA A 322 5.18 11.31 3.28
N LEU A 323 3.97 11.69 3.70
CA LEU A 323 3.88 12.56 4.86
C LEU A 323 4.36 11.90 6.12
N ALA A 324 4.29 10.57 6.25
CA ALA A 324 4.81 9.83 7.37
C ALA A 324 6.30 9.46 7.35
N MET A 325 6.95 9.63 6.20
CA MET A 325 8.36 9.27 6.16
C MET A 325 9.20 10.03 7.21
N PRO A 326 8.88 11.30 7.53
CA PRO A 326 9.71 11.94 8.56
C PRO A 326 9.46 11.37 9.90
N ILE A 327 8.34 10.70 10.16
CA ILE A 327 8.07 10.02 11.46
C ILE A 327 9.06 8.84 11.59
N VAL A 328 9.20 8.10 10.53
CA VAL A 328 10.20 7.01 10.54
C VAL A 328 11.57 7.52 10.76
N GLU A 329 11.97 8.59 10.06
CA GLU A 329 13.27 9.21 10.30
C GLU A 329 13.40 9.71 11.72
N ALA A 330 12.35 10.24 12.29
CA ALA A 330 12.40 10.71 13.67
C ALA A 330 12.69 9.58 14.61
N ALA A 331 12.09 8.42 14.45
CA ALA A 331 12.34 7.31 15.31
C ALA A 331 13.80 6.90 15.27
N CYS A 332 14.39 6.97 14.07
CA CYS A 332 15.77 6.58 13.89
C CYS A 332 16.68 7.61 14.53
N ALA A 333 16.36 8.91 14.40
CA ALA A 333 17.15 9.98 15.03
C ALA A 333 17.10 9.91 16.52
N MET A 334 15.96 9.71 17.10
CA MET A 334 15.80 9.53 18.57
C MET A 334 16.79 8.43 18.98
N PHE A 335 16.75 7.29 18.30
CA PHE A 335 17.48 6.11 18.72
C PHE A 335 18.96 6.41 18.69
N HIS A 336 19.47 7.01 17.65
CA HIS A 336 20.88 7.21 17.41
C HIS A 336 21.43 8.42 18.11
N ASN A 337 20.65 9.45 18.34
CA ASN A 337 21.26 10.74 18.69
C ASN A 337 20.93 11.10 20.12
N MET A 338 19.93 10.56 20.75
CA MET A 338 19.69 10.93 22.13
C MET A 338 20.81 10.50 23.04
N GLY A 339 20.98 11.27 24.13
CA GLY A 339 21.89 10.84 25.19
C GLY A 339 21.32 9.80 26.08
N GLU A 340 22.14 9.38 27.04
CA GLU A 340 21.74 8.33 28.00
C GLU A 340 21.58 8.77 29.46
N LEU A 341 20.60 8.22 30.16
CA LEU A 341 20.34 8.55 31.56
C LEU A 341 21.55 8.30 32.42
N ALA A 342 22.25 7.23 32.12
CA ALA A 342 23.39 6.86 32.94
C ALA A 342 24.52 7.88 32.74
N3 RBZ B . -5.20 11.16 -7.18
N1 RBZ B . -6.98 9.98 -6.79
C2 RBZ B . -5.69 10.10 -6.47
C7A RBZ B . -7.39 10.95 -7.64
C3A RBZ B . -6.18 11.79 -7.88
C4 RBZ B . -6.22 12.89 -8.74
C5 RBZ B . -7.39 13.32 -9.38
C6 RBZ B . -8.60 12.49 -9.10
C7 RBZ B . -8.56 11.37 -8.28
C8 RBZ B . -7.38 14.58 -10.25
C9 RBZ B . -9.97 12.79 -9.70
P RBZ B . -12.92 6.79 -7.30
O1P RBZ B . -13.09 5.29 -6.92
O2P RBZ B . -13.99 7.71 -6.66
O3P RBZ B . -12.69 7.02 -8.76
O5' RBZ B . -11.60 7.35 -6.53
C5' RBZ B . -10.36 6.77 -6.96
C4' RBZ B . -9.30 7.74 -7.45
O4' RBZ B . -9.11 8.86 -6.58
C3' RBZ B . -7.91 7.12 -7.53
O3' RBZ B . -7.30 7.72 -8.70
C2' RBZ B . -7.35 7.45 -6.16
O2' RBZ B . -5.98 7.40 -5.75
C1' RBZ B . -7.77 8.90 -6.10
C1 EDO C . 10.03 13.39 -6.17
O1 EDO C . 8.96 14.36 -6.27
C2 EDO C . 9.92 12.26 -7.18
O2 EDO C . 10.99 11.67 -7.86
N NIO D . -8.92 8.10 -3.11
C1 NIO D . -8.07 7.65 -2.15
C2 NIO D . -8.61 7.22 -0.92
C3 NIO D . -9.95 7.28 -0.63
C4 NIO D . -10.80 7.78 -1.62
C5 NIO D . -10.24 8.21 -2.83
C6 NIO D . -7.66 6.59 0.02
O1 NIO D . -7.75 6.67 1.31
O2 NIO D . -6.46 6.70 -0.46
#